data_6BSC
#
_entry.id   6BSC
#
_cell.length_a   43.880
_cell.length_b   43.880
_cell.length_c   82.300
_cell.angle_alpha   90.000
_cell.angle_beta   90.000
_cell.angle_gamma   120.000
#
_symmetry.space_group_name_H-M   'P 31 2 1'
#
loop_
_entity.id
_entity.type
_entity.pdbx_description
1 polymer Mucin-1
2 polymer Mucin-1
3 water water
#
loop_
_entity_poly.entity_id
_entity_poly.type
_entity_poly.pdbx_seq_one_letter_code
_entity_poly.pdbx_strand_id
1 'polypeptide(L)' SFFFLSFHISNLQFNSSLEDPSTDYYQELQRDISEMFLQIYKQGGFLGLSNIKFRPG A
2 'polypeptide(L)' SVVVQLTLAFREGTINVHDVETQFNQYKTEAASRYNLTISDVSVSDVPFPFSAQS B
#
# COMPACT_ATOMS: atom_id res chain seq x y z
N SER A 1 5.50 11.08 11.65
CA SER A 1 6.32 9.90 11.41
C SER A 1 6.00 9.23 10.07
N PHE A 2 6.98 8.50 9.57
CA PHE A 2 6.93 7.88 8.25
C PHE A 2 7.17 6.39 8.38
N PHE A 3 6.48 5.62 7.55
CA PHE A 3 6.55 4.17 7.57
C PHE A 3 6.65 3.67 6.15
N PHE A 4 7.67 2.88 5.87
CA PHE A 4 7.83 2.22 4.59
C PHE A 4 7.05 0.93 4.63
N LEU A 5 6.24 0.69 3.60
CA LEU A 5 5.41 -0.49 3.53
C LEU A 5 5.65 -1.15 2.18
N SER A 6 5.84 -2.46 2.21
CA SER A 6 5.92 -3.27 1.00
CA SER A 6 5.86 -3.23 0.97
C SER A 6 4.92 -4.41 1.14
N PHE A 7 4.31 -4.80 0.03
CA PHE A 7 3.43 -5.96 0.04
C PHE A 7 3.34 -6.49 -1.37
N HIS A 8 2.78 -7.70 -1.47
CA HIS A 8 2.49 -8.28 -2.77
C HIS A 8 1.00 -8.21 -3.04
N ILE A 9 0.66 -7.95 -4.29
CA ILE A 9 -0.68 -8.23 -4.80
C ILE A 9 -0.56 -9.54 -5.54
N SER A 10 -1.09 -10.59 -4.93
CA SER A 10 -0.86 -11.96 -5.37
C SER A 10 -1.73 -12.37 -6.54
N ASN A 11 -2.74 -11.57 -6.90
CA ASN A 11 -3.69 -11.94 -7.96
C ASN A 11 -3.54 -11.12 -9.22
N LEU A 12 -2.51 -10.27 -9.31
CA LEU A 12 -2.24 -9.48 -10.51
C LEU A 12 -0.90 -9.85 -11.11
N GLN A 13 -0.89 -10.03 -12.42
CA GLN A 13 0.34 -10.31 -13.14
C GLN A 13 1.09 -9.01 -13.41
N PHE A 14 2.37 -8.99 -13.09
CA PHE A 14 3.19 -7.87 -13.49
C PHE A 14 3.39 -7.93 -15.00
N ASN A 15 3.19 -6.82 -15.69
CA ASN A 15 3.31 -6.81 -17.14
C ASN A 15 4.04 -5.54 -17.59
N SER A 16 4.26 -5.44 -18.90
CA SER A 16 5.06 -4.34 -19.41
C SER A 16 4.46 -2.99 -19.07
N SER A 17 3.13 -2.90 -18.99
CA SER A 17 2.49 -1.63 -18.65
C SER A 17 2.90 -1.17 -17.26
N LEU A 18 3.13 -2.11 -16.34
CA LEU A 18 3.47 -1.74 -14.97
C LEU A 18 4.94 -1.39 -14.82
N GLU A 19 5.73 -1.53 -15.87
CA GLU A 19 7.09 -1.02 -15.86
C GLU A 19 7.17 0.47 -16.17
N ASP A 20 6.07 1.07 -16.61
CA ASP A 20 6.08 2.42 -17.17
C ASP A 20 5.05 3.25 -16.43
N PRO A 21 5.48 4.15 -15.53
CA PRO A 21 4.52 4.96 -14.74
C PRO A 21 3.65 5.90 -15.55
N SER A 22 3.90 6.06 -16.84
CA SER A 22 3.07 6.91 -17.67
C SER A 22 1.90 6.17 -18.30
N THR A 23 1.78 4.85 -18.08
CA THR A 23 0.70 4.12 -18.73
C THR A 23 -0.61 4.25 -17.95
N ASP A 24 -1.70 4.10 -18.67
CA ASP A 24 -3.02 4.14 -18.06
C ASP A 24 -3.15 3.09 -16.96
N TYR A 25 -2.68 1.85 -17.22
CA TYR A 25 -2.82 0.78 -16.24
C TYR A 25 -2.02 1.08 -14.98
N TYR A 26 -0.77 1.50 -15.13
CA TYR A 26 0.04 1.88 -13.98
C TYR A 26 -0.68 2.94 -13.16
N GLN A 27 -1.17 3.98 -13.83
CA GLN A 27 -1.80 5.08 -13.12
C GLN A 27 -3.10 4.65 -12.46
N GLU A 28 -3.87 3.77 -13.10
CA GLU A 28 -5.11 3.29 -12.51
C GLU A 28 -4.83 2.48 -11.25
N LEU A 29 -3.85 1.58 -11.32
CA LEU A 29 -3.54 0.78 -10.15
C LEU A 29 -3.00 1.64 -9.02
N GLN A 30 -2.10 2.57 -9.33
CA GLN A 30 -1.59 3.46 -8.31
C GLN A 30 -2.70 4.28 -7.68
N ARG A 31 -3.60 4.81 -8.50
CA ARG A 31 -4.74 5.57 -7.96
C ARG A 31 -5.59 4.71 -7.04
N ASP A 32 -5.96 3.52 -7.52
CA ASP A 32 -6.91 2.69 -6.77
C ASP A 32 -6.29 2.23 -5.46
N ILE A 33 -5.00 1.88 -5.47
CA ILE A 33 -4.34 1.47 -4.25
C ILE A 33 -4.28 2.65 -3.28
N SER A 34 -3.95 3.83 -3.79
CA SER A 34 -3.89 5.01 -2.93
C SER A 34 -5.23 5.26 -2.26
N GLU A 35 -6.32 5.18 -3.04
CA GLU A 35 -7.64 5.37 -2.49
C GLU A 35 -7.94 4.34 -1.41
N MET A 36 -7.55 3.08 -1.65
CA MET A 36 -7.71 2.06 -0.62
C MET A 36 -7.00 2.46 0.68
N PHE A 37 -5.76 2.91 0.60
CA PHE A 37 -5.06 3.31 1.82
C PHE A 37 -5.77 4.43 2.57
N LEU A 38 -6.37 5.38 1.86
CA LEU A 38 -7.13 6.43 2.53
C LEU A 38 -8.37 5.89 3.23
N GLN A 39 -8.83 4.70 2.86
CA GLN A 39 -9.91 4.05 3.59
C GLN A 39 -9.40 3.26 4.77
N ILE A 40 -8.19 2.71 4.66
CA ILE A 40 -7.65 1.87 5.75
C ILE A 40 -7.32 2.72 6.96
N TYR A 41 -6.66 3.86 6.74
CA TYR A 41 -6.17 4.72 7.82
C TYR A 41 -7.02 5.98 7.91
N LYS A 42 -7.83 6.06 8.96
CA LYS A 42 -8.74 7.17 9.16
C LYS A 42 -8.31 8.04 10.33
N GLN A 43 -7.12 7.83 10.88
CA GLN A 43 -6.68 8.62 12.02
C GLN A 43 -6.61 10.07 11.61
N GLY A 44 -6.96 10.95 12.56
CA GLY A 44 -6.84 12.36 12.30
C GLY A 44 -5.46 12.75 11.84
N GLY A 45 -4.45 12.08 12.38
CA GLY A 45 -3.07 12.37 12.04
C GLY A 45 -2.56 11.71 10.77
N PHE A 46 -3.35 10.87 10.10
CA PHE A 46 -2.90 10.25 8.86
C PHE A 46 -2.99 11.27 7.74
N LEU A 47 -1.86 11.55 7.10
CA LEU A 47 -1.82 12.56 6.06
C LEU A 47 -1.97 11.96 4.67
N GLY A 48 -1.41 10.79 4.43
CA GLY A 48 -1.49 10.17 3.13
C GLY A 48 -0.27 9.30 2.88
N LEU A 49 -0.02 9.07 1.60
CA LEU A 49 1.04 8.17 1.18
C LEU A 49 1.80 8.76 0.01
N SER A 50 2.96 8.19 -0.24
CA SER A 50 3.81 8.60 -1.35
C SER A 50 3.26 8.06 -2.65
N ASN A 51 3.89 8.49 -3.74
CA ASN A 51 3.92 7.79 -5.01
CA ASN A 51 3.70 7.74 -4.97
C ASN A 51 4.16 6.30 -4.77
N ILE A 52 3.67 5.43 -5.63
CA ILE A 52 3.85 4.00 -5.48
C ILE A 52 4.86 3.48 -6.48
N LYS A 53 5.69 2.55 -6.02
CA LYS A 53 6.63 1.83 -6.86
C LYS A 53 6.12 0.41 -7.04
N PHE A 54 5.96 -0.01 -8.30
CA PHE A 54 5.61 -1.40 -8.62
C PHE A 54 6.85 -2.12 -9.12
N ARG A 55 7.02 -3.37 -8.69
CA ARG A 55 8.10 -4.23 -9.15
C ARG A 55 7.54 -5.62 -9.41
N PRO A 56 8.20 -6.42 -10.24
CA PRO A 56 7.78 -7.81 -10.42
C PRO A 56 8.06 -8.64 -9.19
N GLY A 57 7.07 -9.43 -8.79
CA GLY A 57 7.23 -10.41 -7.72
C GLY A 57 7.09 -11.85 -8.20
N SER B 1 3.58 -12.01 -9.32
CA SER B 1 2.77 -11.08 -8.55
C SER B 1 3.29 -9.66 -8.75
N VAL B 2 2.59 -8.69 -8.21
CA VAL B 2 3.01 -7.29 -8.24
C VAL B 2 3.48 -6.92 -6.85
N VAL B 3 4.73 -6.51 -6.74
CA VAL B 3 5.26 -5.95 -5.50
C VAL B 3 4.95 -4.46 -5.48
N VAL B 4 4.44 -3.99 -4.34
CA VAL B 4 4.01 -2.61 -4.17
C VAL B 4 4.82 -2.02 -3.03
N GLN B 5 5.43 -0.86 -3.27
CA GLN B 5 6.24 -0.20 -2.24
C GLN B 5 5.82 1.24 -2.13
N LEU B 6 5.63 1.71 -0.90
CA LEU B 6 5.16 3.07 -0.66
C LEU B 6 5.50 3.47 0.76
N THR B 7 5.41 4.76 1.03
CA THR B 7 5.63 5.30 2.36
C THR B 7 4.39 6.02 2.84
N LEU B 8 4.01 5.76 4.08
CA LEU B 8 2.91 6.42 4.74
C LEU B 8 3.41 7.54 5.62
N ALA B 9 2.60 8.58 5.74
CA ALA B 9 2.93 9.76 6.55
C ALA B 9 1.83 10.00 7.58
N PHE B 10 2.24 10.10 8.85
CA PHE B 10 1.35 10.46 9.95
C PHE B 10 1.97 11.64 10.70
N ARG B 11 1.10 12.45 11.32
CA ARG B 11 1.62 13.46 12.22
C ARG B 11 2.22 12.80 13.45
N GLU B 12 3.11 13.54 14.11
CA GLU B 12 3.80 13.04 15.30
C GLU B 12 2.81 12.48 16.32
N GLY B 13 3.21 11.37 16.95
CA GLY B 13 2.47 10.80 18.06
C GLY B 13 1.24 10.01 17.69
N THR B 14 1.02 9.74 16.40
CA THR B 14 -0.25 9.14 15.98
C THR B 14 -0.24 7.62 16.12
N ILE B 15 0.84 6.97 15.67
CA ILE B 15 0.83 5.52 15.49
C ILE B 15 2.27 5.03 15.57
N ASN B 16 2.44 3.72 15.80
CA ASN B 16 3.75 3.10 15.69
C ASN B 16 3.73 1.99 14.64
N VAL B 17 4.92 1.47 14.35
CA VAL B 17 5.11 0.57 13.22
C VAL B 17 4.29 -0.69 13.38
N HIS B 18 4.13 -1.18 14.61
CA HIS B 18 3.35 -2.39 14.81
C HIS B 18 1.88 -2.15 14.49
N ASP B 19 1.35 -1.00 14.90
CA ASP B 19 -0.05 -0.68 14.63
C ASP B 19 -0.29 -0.53 13.15
N VAL B 20 0.65 0.10 12.45
CA VAL B 20 0.52 0.23 11.01
C VAL B 20 0.41 -1.14 10.37
N GLU B 21 1.28 -2.07 10.79
CA GLU B 21 1.29 -3.40 10.22
C GLU B 21 0.02 -4.17 10.56
N THR B 22 -0.38 -4.14 11.83
CA THR B 22 -1.58 -4.88 12.23
C THR B 22 -2.82 -4.35 11.52
N GLN B 23 -2.95 -3.02 11.41
CA GLN B 23 -4.14 -2.46 10.78
CA GLN B 23 -4.14 -2.45 10.78
C GLN B 23 -4.20 -2.83 9.30
N PHE B 24 -3.05 -2.90 8.64
CA PHE B 24 -3.05 -3.32 7.26
C PHE B 24 -3.38 -4.82 7.14
N ASN B 25 -2.75 -5.66 7.96
CA ASN B 25 -3.04 -7.09 7.88
C ASN B 25 -4.51 -7.38 8.16
N GLN B 26 -5.11 -6.65 9.10
CA GLN B 26 -6.52 -6.85 9.41
C GLN B 26 -7.41 -6.45 8.25
N TYR B 27 -6.94 -5.59 7.36
CA TYR B 27 -7.72 -5.16 6.22
C TYR B 27 -7.66 -6.12 5.05
N LYS B 28 -6.86 -7.19 5.13
CA LYS B 28 -6.72 -8.07 3.98
C LYS B 28 -8.07 -8.58 3.49
N THR B 29 -8.96 -8.92 4.42
CA THR B 29 -10.23 -9.49 4.01
C THR B 29 -11.03 -8.49 3.19
N GLU B 30 -11.08 -7.24 3.65
CA GLU B 30 -11.79 -6.20 2.90
C GLU B 30 -11.07 -5.83 1.62
N ALA B 31 -9.74 -5.85 1.61
CA ALA B 31 -9.04 -5.57 0.37
C ALA B 31 -9.43 -6.58 -0.71
N ALA B 32 -9.58 -7.85 -0.33
CA ALA B 32 -10.00 -8.85 -1.30
C ALA B 32 -11.46 -8.68 -1.69
N SER B 33 -12.34 -8.51 -0.71
CA SER B 33 -13.78 -8.51 -1.00
C SER B 33 -14.21 -7.24 -1.71
N ARG B 34 -13.65 -6.09 -1.32
CA ARG B 34 -14.08 -4.80 -1.84
C ARG B 34 -13.21 -4.31 -3.00
N TYR B 35 -11.89 -4.46 -2.90
CA TYR B 35 -10.99 -3.97 -3.94
C TYR B 35 -10.50 -5.06 -4.89
N ASN B 36 -10.82 -6.31 -4.63
CA ASN B 36 -10.37 -7.41 -5.48
C ASN B 36 -8.84 -7.44 -5.55
N LEU B 37 -8.19 -7.10 -4.44
CA LEU B 37 -6.75 -7.20 -4.30
C LEU B 37 -6.45 -8.24 -3.22
N THR B 38 -5.68 -9.25 -3.59
CA THR B 38 -5.27 -10.31 -2.66
C THR B 38 -3.90 -9.92 -2.14
N ILE B 39 -3.86 -9.41 -0.90
CA ILE B 39 -2.69 -8.75 -0.35
C ILE B 39 -1.94 -9.73 0.54
N SER B 40 -0.62 -9.81 0.35
CA SER B 40 0.17 -10.74 1.13
CA SER B 40 0.19 -10.79 1.06
C SER B 40 1.56 -10.18 1.38
N ASP B 41 2.29 -10.85 2.25
CA ASP B 41 3.72 -10.60 2.44
C ASP B 41 3.99 -9.16 2.84
N VAL B 42 3.21 -8.67 3.81
CA VAL B 42 3.34 -7.29 4.28
C VAL B 42 4.61 -7.13 5.10
N SER B 43 5.35 -6.06 4.83
CA SER B 43 6.52 -5.65 5.60
C SER B 43 6.42 -4.16 5.86
N VAL B 44 6.67 -3.75 7.10
CA VAL B 44 6.56 -2.35 7.50
C VAL B 44 7.81 -1.98 8.27
N SER B 45 8.36 -0.79 8.00
CA SER B 45 9.58 -0.32 8.66
C SER B 45 9.43 1.13 9.06
N ASP B 46 9.96 1.49 10.23
CA ASP B 46 10.14 2.90 10.59
C ASP B 46 11.22 3.52 9.70
N VAL B 47 10.96 4.71 9.19
CA VAL B 47 11.91 5.42 8.34
C VAL B 47 12.41 6.61 9.15
N PRO B 48 13.71 6.70 9.48
CA PRO B 48 14.29 7.72 10.37
C PRO B 48 14.44 9.11 9.74
#